data_4E5W
#
_entry.id   4E5W
#
_cell.length_a   43.080
_cell.length_b   173.730
_cell.length_c   44.450
_cell.angle_alpha   90.000
_cell.angle_beta   92.590
_cell.angle_gamma   90.000
#
_symmetry.space_group_name_H-M   'P 1 21 1'
#
loop_
_entity.id
_entity.type
_entity.pdbx_description
1 polymer 'Tyrosine-protein kinase JAK1'
2 non-polymer [4-(imidazo[4,5-d]pyrrolo[2,3-b]pyridin-1(6H)-yl)piperidin-1-yl][(2S)-1-(propan-2-yl)pyrrolidin-2-yl]methanone
3 non-polymer DI(HYDROXYETHYL)ETHER
4 water water
#
_entity_poly.entity_id   1
_entity_poly.type   'polypeptide(L)'
_entity_poly.pdbx_seq_one_letter_code
;GDIVSEKKPATEVDPTHFEKRFLKRIRDLGEGHFGKVELCRYDPEGDNTGEQVAVKSLKPESGGNHIADLKKEIEILRNL
YHENIVKYKGICTEDGGNGIKLIMEFLPSGSLKEYLPKNKNKINLKQQLKYAVQICKGMDYLGSRQYVHRDLAARNVLVE
SEHQVKIGDFGLTKAIETDKE(PTR)(PTR)TVKDDRDSPVFWYAPECLMQSKFYIASDVWSFGVTLHELLTYCDSDSSP
MALFLKMIGPTHGQMTVTRLVNTLKEGKRLPCPPNCPDEVYQLMRKCWEFQPSNRTSFQNLIEGFEALLK
;
_entity_poly.pdbx_strand_id   A,B
#
loop_
_chem_comp.id
_chem_comp.type
_chem_comp.name
_chem_comp.formula
0NT non-polymer [4-(imidazo[4,5-d]pyrrolo[2,3-b]pyridin-1(6H)-yl)piperidin-1-yl][(2S)-1-(propan-2-yl)pyrrolidin-2-yl]methanone 'C21 H28 N6 O'
PEG non-polymer DI(HYDROXYETHYL)ETHER 'C4 H10 O3'
#
# COMPACT_ATOMS: atom_id res chain seq x y z
N GLY A 1 70.68 16.39 11.98
CA GLY A 1 70.02 17.57 12.51
C GLY A 1 68.87 17.26 13.45
N ASP A 2 68.20 18.32 13.93
CA ASP A 2 67.05 18.18 14.83
C ASP A 2 65.88 17.56 14.09
N ILE A 3 64.91 16.97 14.82
CA ILE A 3 63.70 16.44 14.18
C ILE A 3 62.91 17.60 13.58
N VAL A 4 62.35 17.38 12.39
CA VAL A 4 61.62 18.46 11.73
C VAL A 4 60.13 18.42 12.01
N SER A 5 59.51 19.60 11.98
CA SER A 5 58.07 19.72 12.14
C SER A 5 57.51 20.63 11.05
N GLU A 6 56.20 20.54 10.80
CA GLU A 6 55.54 21.36 9.80
C GLU A 6 55.26 22.75 10.38
N LYS A 7 55.47 23.81 9.56
CA LYS A 7 55.17 25.20 9.92
C LYS A 7 53.66 25.31 10.09
N LYS A 8 53.19 25.70 11.28
CA LYS A 8 51.75 25.80 11.53
C LYS A 8 51.13 27.05 10.88
N PRO A 9 50.19 26.88 9.91
CA PRO A 9 49.57 28.08 9.30
C PRO A 9 48.53 28.71 10.22
N ALA A 10 48.13 29.97 9.95
CA ALA A 10 47.13 30.70 10.74
C ALA A 10 45.80 29.92 10.78
N THR A 11 45.43 29.44 11.99
CA THR A 11 44.23 28.65 12.21
C THR A 11 43.00 29.56 12.28
N GLU A 12 42.21 29.58 11.19
CA GLU A 12 41.01 30.39 11.07
C GLU A 12 39.79 29.64 11.62
N VAL A 13 38.88 30.37 12.27
CA VAL A 13 37.66 29.82 12.85
C VAL A 13 36.48 29.94 11.86
N ASP A 14 35.81 28.80 11.60
CA ASP A 14 34.64 28.77 10.73
C ASP A 14 33.41 28.76 11.65
N PRO A 15 32.57 29.83 11.64
CA PRO A 15 31.39 29.86 12.52
C PRO A 15 30.30 28.83 12.17
N THR A 16 30.39 28.20 10.98
CA THR A 16 29.43 27.18 10.52
C THR A 16 29.91 25.76 10.84
N HIS A 17 31.06 25.63 11.54
N HIS A 17 31.06 25.64 11.54
CA HIS A 17 31.59 24.32 11.90
CA HIS A 17 31.63 24.36 11.95
C HIS A 17 31.38 24.08 13.40
C HIS A 17 31.29 24.14 13.43
N PHE A 18 30.53 23.09 13.73
CA PHE A 18 30.16 22.75 15.11
C PHE A 18 30.87 21.46 15.53
N GLU A 19 31.61 21.51 16.65
CA GLU A 19 32.35 20.36 17.19
C GLU A 19 31.42 19.41 17.91
N LYS A 20 31.48 18.10 17.56
CA LYS A 20 30.65 17.06 18.16
C LYS A 20 30.72 17.05 19.67
N ARG A 21 31.94 17.21 20.23
CA ARG A 21 32.19 17.17 21.67
C ARG A 21 31.42 18.24 22.48
N PHE A 22 30.95 19.33 21.81
CA PHE A 22 30.21 20.42 22.47
C PHE A 22 28.69 20.41 22.21
N LEU A 23 28.23 19.51 21.32
CA LEU A 23 26.82 19.38 20.95
C LEU A 23 26.17 18.49 22.00
N LYS A 24 25.44 19.10 22.93
CA LYS A 24 24.85 18.36 24.04
C LYS A 24 23.36 18.17 23.87
N ARG A 25 22.94 16.90 23.72
CA ARG A 25 21.58 16.47 23.46
C ARG A 25 20.62 16.84 24.58
N ILE A 26 19.46 17.42 24.24
CA ILE A 26 18.43 17.75 25.23
C ILE A 26 17.22 16.83 25.04
N ARG A 27 16.58 16.90 23.85
CA ARG A 27 15.39 16.12 23.54
C ARG A 27 15.17 16.01 22.03
N ASP A 28 14.33 15.05 21.62
CA ASP A 28 13.99 14.84 20.22
C ASP A 28 12.99 15.90 19.76
N LEU A 29 13.10 16.31 18.48
CA LEU A 29 12.17 17.29 17.88
C LEU A 29 11.33 16.68 16.76
N GLY A 30 11.73 15.51 16.29
CA GLY A 30 11.00 14.81 15.24
C GLY A 30 11.84 13.83 14.45
N GLU A 31 11.22 12.70 14.06
CA GLU A 31 11.85 11.67 13.25
C GLU A 31 11.44 11.89 11.80
N GLY A 32 12.43 11.97 10.93
CA GLY A 32 12.20 12.14 9.49
C GLY A 32 12.32 10.83 8.75
N HIS A 33 12.56 10.90 7.45
CA HIS A 33 12.69 9.72 6.61
C HIS A 33 14.05 9.03 6.80
N PHE A 34 15.15 9.72 6.47
CA PHE A 34 16.50 9.17 6.65
C PHE A 34 17.15 9.63 7.95
N GLY A 35 16.65 10.75 8.49
CA GLY A 35 17.22 11.32 9.69
C GLY A 35 16.26 11.60 10.82
N LYS A 36 16.81 12.17 11.90
CA LYS A 36 16.07 12.58 13.09
C LYS A 36 16.63 13.88 13.58
N VAL A 37 15.77 14.75 14.11
CA VAL A 37 16.16 16.06 14.60
C VAL A 37 16.09 16.10 16.12
N GLU A 38 17.14 16.62 16.74
CA GLU A 38 17.24 16.73 18.18
C GLU A 38 17.57 18.15 18.58
N LEU A 39 16.98 18.58 19.70
CA LEU A 39 17.32 19.86 20.29
C LEU A 39 18.64 19.61 21.07
N CYS A 40 19.65 20.44 20.79
CA CYS A 40 20.95 20.40 21.47
C CYS A 40 21.31 21.79 21.95
N ARG A 41 22.11 21.88 23.00
CA ARG A 41 22.81 23.10 23.37
C ARG A 41 24.27 22.95 22.90
N TYR A 42 24.73 23.86 22.08
CA TYR A 42 26.10 23.81 21.65
C TYR A 42 26.82 24.60 22.72
N ASP A 43 27.55 23.90 23.56
CA ASP A 43 28.12 24.48 24.77
C ASP A 43 29.65 24.39 24.85
N PRO A 44 30.41 25.15 24.01
CA PRO A 44 31.88 25.05 24.07
C PRO A 44 32.52 25.48 25.40
N GLU A 45 31.79 26.26 26.22
CA GLU A 45 32.33 26.71 27.52
C GLU A 45 32.01 25.72 28.65
N GLY A 46 31.20 24.71 28.36
CA GLY A 46 30.81 23.64 29.28
C GLY A 46 30.07 24.05 30.54
N ASP A 47 29.38 25.21 30.52
CA ASP A 47 28.69 25.72 31.70
C ASP A 47 27.18 25.94 31.51
N ASN A 48 26.58 25.24 30.54
CA ASN A 48 25.15 25.33 30.22
C ASN A 48 24.71 26.79 29.86
N THR A 49 25.57 27.56 29.13
CA THR A 49 25.23 28.93 28.69
C THR A 49 25.14 29.04 27.16
N GLY A 50 25.57 27.99 26.47
CA GLY A 50 25.59 27.92 25.01
C GLY A 50 24.25 28.08 24.33
N GLU A 51 24.28 28.38 23.04
CA GLU A 51 23.13 28.57 22.18
C GLU A 51 22.43 27.23 21.90
N GLN A 52 21.08 27.23 21.88
CA GLN A 52 20.29 26.05 21.55
C GLN A 52 20.17 25.96 20.03
N VAL A 53 20.33 24.76 19.48
CA VAL A 53 20.26 24.49 18.04
C VAL A 53 19.46 23.21 17.75
N ALA A 54 18.94 23.09 16.53
CA ALA A 54 18.25 21.87 16.04
C ALA A 54 19.28 21.11 15.20
N VAL A 55 19.51 19.83 15.56
CA VAL A 55 20.53 19.00 14.94
C VAL A 55 19.91 17.80 14.24
N LYS A 56 20.11 17.69 12.90
CA LYS A 56 19.60 16.57 12.12
C LYS A 56 20.74 15.58 11.87
N SER A 57 20.56 14.32 12.31
CA SER A 57 21.53 13.24 12.15
C SER A 57 20.86 12.06 11.43
N LEU A 58 21.66 11.19 10.82
CA LEU A 58 21.12 9.98 10.19
C LEU A 58 20.59 9.03 11.25
N LYS A 59 19.50 8.30 10.95
CA LYS A 59 18.90 7.31 11.85
C LYS A 59 19.81 6.10 11.91
N ASN A 65 24.60 4.68 5.25
CA ASN A 65 23.81 4.21 4.11
C ASN A 65 23.22 5.38 3.34
N HIS A 66 22.52 6.31 4.04
CA HIS A 66 21.88 7.48 3.43
C HIS A 66 22.60 8.81 3.64
N ILE A 67 23.94 8.76 3.80
CA ILE A 67 24.75 9.97 3.96
C ILE A 67 24.65 10.88 2.73
N ALA A 68 24.57 10.28 1.53
CA ALA A 68 24.47 11.06 0.29
C ALA A 68 23.19 11.90 0.28
N ASP A 69 22.06 11.31 0.78
CA ASP A 69 20.77 12.02 0.85
C ASP A 69 20.84 13.17 1.86
N LEU A 70 21.41 12.93 3.07
CA LEU A 70 21.55 13.99 4.08
C LEU A 70 22.46 15.11 3.58
N LYS A 71 23.57 14.75 2.88
CA LYS A 71 24.48 15.75 2.30
C LYS A 71 23.74 16.62 1.27
N LYS A 72 22.85 16.00 0.46
CA LYS A 72 22.07 16.72 -0.54
C LYS A 72 21.08 17.69 0.12
N GLU A 73 20.44 17.26 1.24
CA GLU A 73 19.50 18.11 1.98
C GLU A 73 20.26 19.30 2.58
N ILE A 74 21.48 19.05 3.11
CA ILE A 74 22.32 20.11 3.68
C ILE A 74 22.62 21.17 2.61
N GLU A 75 23.02 20.74 1.41
CA GLU A 75 23.38 21.65 0.33
C GLU A 75 22.18 22.44 -0.18
N ILE A 76 20.98 21.81 -0.20
CA ILE A 76 19.74 22.52 -0.58
C ILE A 76 19.50 23.63 0.46
N LEU A 77 19.38 23.24 1.75
CA LEU A 77 19.07 24.22 2.81
C LEU A 77 20.07 25.34 2.96
N ARG A 78 21.38 25.03 2.82
CA ARG A 78 22.46 26.02 2.92
C ARG A 78 22.26 27.17 1.92
N ASN A 79 21.67 26.87 0.75
CA ASN A 79 21.45 27.85 -0.32
C ASN A 79 20.05 28.46 -0.42
N LEU A 80 19.16 28.14 0.53
CA LEU A 80 17.82 28.75 0.57
C LEU A 80 17.88 29.92 1.55
N TYR A 81 17.43 31.10 1.11
CA TYR A 81 17.44 32.31 1.94
C TYR A 81 16.06 32.96 1.82
N HIS A 82 15.18 32.68 2.77
CA HIS A 82 13.82 33.21 2.75
C HIS A 82 13.31 33.27 4.17
N GLU A 83 12.58 34.33 4.50
CA GLU A 83 12.07 34.49 5.85
C GLU A 83 11.09 33.41 6.33
N ASN A 84 10.48 32.66 5.39
CA ASN A 84 9.56 31.57 5.73
C ASN A 84 10.19 30.19 5.48
N ILE A 85 11.52 30.12 5.53
CA ILE A 85 12.32 28.88 5.41
C ILE A 85 13.30 28.86 6.58
N VAL A 86 13.31 27.74 7.33
CA VAL A 86 14.20 27.57 8.49
C VAL A 86 15.66 27.85 8.12
N LYS A 87 16.38 28.56 8.99
CA LYS A 87 17.77 28.89 8.72
C LYS A 87 18.76 27.78 8.98
N TYR A 88 19.62 27.57 7.99
CA TYR A 88 20.79 26.70 8.09
C TYR A 88 21.78 27.45 9.01
N LYS A 89 22.44 26.74 9.93
CA LYS A 89 23.46 27.33 10.82
C LYS A 89 24.85 26.76 10.53
N GLY A 90 24.91 25.49 10.18
CA GLY A 90 26.20 24.86 9.92
C GLY A 90 26.15 23.35 9.91
N ILE A 91 27.34 22.74 10.07
CA ILE A 91 27.46 21.29 10.06
C ILE A 91 28.38 20.80 11.17
N CYS A 92 28.27 19.51 11.47
CA CYS A 92 29.15 18.82 12.40
C CYS A 92 29.71 17.63 11.65
N THR A 93 31.01 17.66 11.31
CA THR A 93 31.64 16.55 10.58
C THR A 93 32.37 15.63 11.58
N GLU A 94 32.08 14.33 11.55
CA GLU A 94 32.69 13.36 12.47
C GLU A 94 34.16 13.06 12.14
N ASN A 98 33.49 10.15 7.91
CA ASN A 98 32.63 10.40 6.77
C ASN A 98 31.20 10.90 7.14
N GLY A 99 30.83 10.73 8.41
CA GLY A 99 29.55 11.15 8.97
C GLY A 99 29.38 12.67 9.04
N ILE A 100 28.12 13.13 9.00
CA ILE A 100 27.80 14.57 9.02
C ILE A 100 26.47 14.82 9.73
N LYS A 101 26.32 15.99 10.37
CA LYS A 101 25.07 16.39 11.01
C LYS A 101 24.69 17.77 10.47
N LEU A 102 23.39 18.03 10.28
CA LEU A 102 22.92 19.33 9.83
C LEU A 102 22.54 20.17 11.06
N ILE A 103 23.08 21.38 11.16
CA ILE A 103 22.78 22.30 12.26
C ILE A 103 21.88 23.41 11.73
N MET A 104 20.76 23.58 12.40
CA MET A 104 19.76 24.61 12.08
C MET A 104 19.42 25.43 13.31
N GLU A 105 18.79 26.60 13.08
CA GLU A 105 18.26 27.40 14.19
C GLU A 105 17.13 26.62 14.86
N PHE A 106 16.96 26.82 16.17
CA PHE A 106 15.91 26.17 16.94
C PHE A 106 14.76 27.13 17.16
N LEU A 107 13.53 26.67 16.88
CA LEU A 107 12.32 27.47 17.07
C LEU A 107 11.54 26.89 18.25
N PRO A 108 11.66 27.53 19.45
CA PRO A 108 11.03 27.00 20.66
C PRO A 108 9.54 26.67 20.60
N SER A 109 8.78 27.41 19.80
CA SER A 109 7.34 27.15 19.69
C SER A 109 7.02 25.86 18.92
N GLY A 110 8.02 25.28 18.26
CA GLY A 110 7.90 24.03 17.55
C GLY A 110 7.05 24.12 16.29
N SER A 111 6.39 23.01 15.93
CA SER A 111 5.58 22.94 14.73
C SER A 111 4.17 23.44 14.95
N LEU A 112 3.45 23.75 13.85
CA LEU A 112 2.03 24.12 13.92
C LEU A 112 1.18 23.00 14.52
N LYS A 113 1.60 21.73 14.30
CA LYS A 113 0.91 20.56 14.85
C LYS A 113 0.90 20.59 16.38
N GLU A 114 1.99 21.08 16.99
CA GLU A 114 2.14 21.20 18.44
C GLU A 114 1.58 22.54 18.94
N TYR A 115 1.82 23.61 18.17
CA TYR A 115 1.45 24.97 18.56
C TYR A 115 -0.03 25.30 18.51
N LEU A 116 -0.71 24.98 17.39
CA LEU A 116 -2.12 25.32 17.21
C LEU A 116 -3.08 24.77 18.27
N PRO A 117 -3.03 23.47 18.67
CA PRO A 117 -3.96 22.97 19.71
C PRO A 117 -3.86 23.70 21.06
N LYS A 118 -2.66 24.20 21.39
CA LYS A 118 -2.37 24.91 22.63
C LYS A 118 -2.64 26.42 22.57
N ASN A 119 -2.86 26.97 21.35
CA ASN A 119 -3.01 28.41 21.18
C ASN A 119 -4.24 28.88 20.42
N LYS A 120 -5.30 28.04 20.34
CA LYS A 120 -6.57 28.39 19.66
C LYS A 120 -7.12 29.75 20.04
N ASN A 121 -7.08 30.09 21.35
CA ASN A 121 -7.59 31.37 21.88
C ASN A 121 -6.87 32.58 21.30
N LYS A 122 -5.56 32.43 21.03
CA LYS A 122 -4.64 33.45 20.52
C LYS A 122 -4.67 33.63 18.99
N ILE A 123 -5.00 32.55 18.25
CA ILE A 123 -4.95 32.52 16.79
C ILE A 123 -6.34 32.51 16.14
N ASN A 124 -6.72 33.63 15.51
CA ASN A 124 -8.02 33.74 14.83
C ASN A 124 -7.87 33.48 13.33
N LEU A 125 -8.99 33.53 12.56
CA LEU A 125 -8.97 33.30 11.12
C LEU A 125 -7.97 34.19 10.38
N LYS A 126 -7.93 35.49 10.71
CA LYS A 126 -7.01 36.43 10.10
C LYS A 126 -5.55 35.97 10.27
N GLN A 127 -5.17 35.51 11.50
CA GLN A 127 -3.81 35.03 11.73
C GLN A 127 -3.54 33.72 10.98
N GLN A 128 -4.56 32.85 10.85
CA GLN A 128 -4.46 31.58 10.10
C GLN A 128 -4.20 31.86 8.62
N LEU A 129 -4.91 32.86 8.05
CA LEU A 129 -4.70 33.25 6.65
C LEU A 129 -3.33 33.87 6.40
N LYS A 130 -2.76 34.57 7.41
CA LYS A 130 -1.41 35.14 7.30
C LYS A 130 -0.39 34.01 7.29
N TYR A 131 -0.60 32.96 8.10
CA TYR A 131 0.28 31.79 8.10
C TYR A 131 0.20 31.13 6.73
N ALA A 132 -1.04 31.02 6.16
CA ALA A 132 -1.26 30.42 4.84
C ALA A 132 -0.47 31.17 3.75
N VAL A 133 -0.44 32.53 3.81
CA VAL A 133 0.32 33.37 2.85
C VAL A 133 1.83 33.07 2.99
N GLN A 134 2.31 33.00 4.23
CA GLN A 134 3.72 32.74 4.54
C GLN A 134 4.17 31.38 4.06
N ILE A 135 3.32 30.36 4.24
CA ILE A 135 3.62 29.00 3.74
C ILE A 135 3.71 29.06 2.21
N CYS A 136 2.73 29.73 1.56
CA CYS A 136 2.72 29.87 0.10
C CYS A 136 3.98 30.59 -0.44
N LYS A 137 4.45 31.64 0.26
CA LYS A 137 5.65 32.39 -0.14
C LYS A 137 6.91 31.54 -0.04
N GLY A 138 7.06 30.79 1.06
CA GLY A 138 8.19 29.89 1.24
C GLY A 138 8.18 28.80 0.17
N MET A 139 7.00 28.28 -0.15
CA MET A 139 6.82 27.22 -1.15
C MET A 139 7.07 27.72 -2.55
N ASP A 140 6.65 28.97 -2.83
CA ASP A 140 6.87 29.57 -4.14
C ASP A 140 8.36 29.83 -4.38
N TYR A 141 9.08 30.23 -3.30
CA TYR A 141 10.53 30.44 -3.33
C TYR A 141 11.20 29.11 -3.69
N LEU A 142 10.76 28.01 -3.04
CA LEU A 142 11.27 26.67 -3.32
C LEU A 142 11.03 26.26 -4.77
N GLY A 143 9.80 26.44 -5.26
CA GLY A 143 9.41 26.11 -6.63
C GLY A 143 10.21 26.86 -7.67
N SER A 144 10.50 28.16 -7.40
CA SER A 144 11.28 29.02 -8.29
C SER A 144 12.75 28.56 -8.38
N ARG A 145 13.23 27.77 -7.39
CA ARG A 145 14.58 27.20 -7.41
C ARG A 145 14.56 25.78 -8.00
N GLN A 146 13.41 25.40 -8.61
CA GLN A 146 13.13 24.12 -9.26
C GLN A 146 13.22 22.93 -8.30
N TYR A 147 12.65 23.10 -7.10
CA TYR A 147 12.55 22.02 -6.12
C TYR A 147 11.10 21.66 -5.88
N VAL A 148 10.86 20.37 -5.60
CA VAL A 148 9.58 19.84 -5.14
C VAL A 148 9.81 19.41 -3.70
N HIS A 149 8.94 19.83 -2.78
CA HIS A 149 9.08 19.54 -1.34
C HIS A 149 8.76 18.10 -0.97
N ARG A 150 7.58 17.62 -1.41
CA ARG A 150 7.05 16.25 -1.23
C ARG A 150 6.62 15.89 0.20
N ASP A 151 6.67 16.83 1.16
CA ASP A 151 6.30 16.52 2.54
C ASP A 151 5.70 17.75 3.23
N LEU A 152 4.92 18.54 2.48
CA LEU A 152 4.31 19.73 3.05
C LEU A 152 3.10 19.32 3.89
N ALA A 153 3.22 19.51 5.21
CA ALA A 153 2.20 19.17 6.20
C ALA A 153 2.44 20.08 7.39
N ALA A 154 1.40 20.30 8.23
CA ALA A 154 1.50 21.19 9.39
C ALA A 154 2.61 20.75 10.35
N ARG A 155 2.90 19.44 10.42
CA ARG A 155 3.95 18.92 11.30
C ARG A 155 5.36 19.34 10.86
N ASN A 156 5.48 19.82 9.59
CA ASN A 156 6.76 20.28 9.03
C ASN A 156 6.89 21.81 8.94
N VAL A 157 5.87 22.52 9.47
CA VAL A 157 5.85 23.98 9.47
C VAL A 157 6.09 24.43 10.91
N LEU A 158 7.11 25.26 11.11
CA LEU A 158 7.51 25.73 12.42
C LEU A 158 6.98 27.11 12.72
N VAL A 159 6.79 27.40 14.00
CA VAL A 159 6.29 28.68 14.48
C VAL A 159 7.49 29.49 14.98
N GLU A 160 7.83 30.57 14.25
CA GLU A 160 8.90 31.49 14.62
C GLU A 160 8.41 32.40 15.78
N SER A 161 7.18 32.88 15.64
CA SER A 161 6.50 33.73 16.62
C SER A 161 5.02 33.59 16.33
N GLU A 162 4.17 34.27 17.11
CA GLU A 162 2.73 34.31 16.88
C GLU A 162 2.41 34.85 15.47
N HIS A 163 3.31 35.66 14.90
CA HIS A 163 3.12 36.33 13.61
C HIS A 163 3.91 35.72 12.45
N GLN A 164 4.73 34.67 12.70
CA GLN A 164 5.59 34.15 11.64
C GLN A 164 5.80 32.64 11.68
N VAL A 165 5.65 31.99 10.52
CA VAL A 165 5.90 30.54 10.35
C VAL A 165 7.05 30.33 9.35
N LYS A 166 7.71 29.16 9.42
CA LYS A 166 8.81 28.78 8.54
C LYS A 166 8.70 27.31 8.18
N ILE A 167 8.96 26.95 6.91
CA ILE A 167 9.00 25.55 6.47
C ILE A 167 10.24 24.96 7.13
N GLY A 168 10.06 23.86 7.81
CA GLY A 168 11.03 23.38 8.73
C GLY A 168 11.74 22.05 8.57
N ASP A 169 11.50 21.37 7.47
CA ASP A 169 12.13 20.09 7.15
C ASP A 169 12.15 19.92 5.66
N PHE A 170 13.30 19.44 5.13
CA PHE A 170 13.52 19.28 3.69
C PHE A 170 14.04 17.86 3.35
N GLY A 171 13.70 16.90 4.19
CA GLY A 171 14.13 15.50 4.07
C GLY A 171 13.76 14.78 2.79
N LEU A 172 12.68 15.20 2.13
CA LEU A 172 12.20 14.59 0.88
C LEU A 172 12.36 15.52 -0.33
N THR A 173 12.90 16.74 -0.11
CA THR A 173 13.06 17.74 -1.15
C THR A 173 13.97 17.27 -2.29
N LYS A 174 13.46 17.39 -3.53
CA LYS A 174 14.15 16.93 -4.74
C LYS A 174 14.14 18.01 -5.80
N ALA A 175 15.24 18.07 -6.57
CA ALA A 175 15.36 19.01 -7.68
C ALA A 175 14.63 18.43 -8.89
N ILE A 176 13.90 19.30 -9.60
CA ILE A 176 13.24 18.93 -10.86
C ILE A 176 14.29 19.28 -11.93
N GLU A 177 14.60 18.35 -12.83
CA GLU A 177 15.54 18.60 -13.91
C GLU A 177 15.04 19.78 -14.79
N THR A 178 15.97 20.65 -15.24
CA THR A 178 15.65 21.79 -16.11
C THR A 178 14.88 21.30 -17.35
N ASP A 179 13.88 22.09 -17.81
CA ASP A 179 13.00 21.77 -18.95
C ASP A 179 12.07 20.53 -18.76
N LYS A 180 12.05 19.96 -17.52
CA LYS A 180 11.18 18.83 -17.15
C LYS A 180 10.15 19.33 -16.12
N GLU A 181 9.02 18.61 -15.94
CA GLU A 181 7.93 19.09 -15.07
C GLU A 181 7.76 18.34 -13.75
N PTR A 182 8.38 17.17 -13.61
CA PTR A 182 8.19 16.41 -12.38
C PTR A 182 9.39 15.55 -12.03
O PTR A 182 10.26 15.33 -12.88
CB PTR A 182 6.98 15.48 -12.61
CG PTR A 182 7.12 14.48 -13.77
CD1 PTR A 182 6.61 14.81 -15.03
CD2 PTR A 182 7.74 13.24 -13.58
CE1 PTR A 182 6.75 13.89 -16.10
CE2 PTR A 182 7.88 12.32 -14.63
CZ PTR A 182 7.37 12.62 -15.92
OH PTR A 182 7.57 11.65 -16.90
P PTR A 182 7.06 11.93 -18.35
O1P PTR A 182 7.44 10.66 -19.11
O2P PTR A 182 7.69 13.15 -19.00
O3P PTR A 182 5.56 12.10 -18.38
N PTR A 183 9.41 15.04 -10.80
CA PTR A 183 10.43 14.13 -10.31
C PTR A 183 9.75 12.76 -10.22
O PTR A 183 8.62 12.68 -9.72
CB PTR A 183 10.87 14.52 -8.87
CG PTR A 183 11.88 13.52 -8.28
CD1 PTR A 183 11.46 12.55 -7.34
CD2 PTR A 183 13.22 13.55 -8.66
CE1 PTR A 183 12.37 11.61 -6.81
CE2 PTR A 183 14.15 12.61 -8.12
CZ PTR A 183 13.74 11.62 -7.19
OH PTR A 183 14.59 10.63 -6.57
P PTR A 183 16.11 10.46 -7.05
O1P PTR A 183 17.00 11.64 -6.62
O2P PTR A 183 16.23 10.36 -8.57
O3P PTR A 183 16.56 9.18 -6.35
N THR A 184 10.42 11.69 -10.67
CA THR A 184 9.89 10.33 -10.57
C THR A 184 10.34 9.70 -9.24
N VAL A 185 9.36 9.37 -8.40
CA VAL A 185 9.52 8.79 -7.05
C VAL A 185 9.88 7.29 -7.13
N LYS A 186 10.92 6.87 -6.40
CA LYS A 186 11.35 5.46 -6.32
C LYS A 186 11.10 4.96 -4.91
N ASP A 187 11.61 5.67 -3.89
CA ASP A 187 11.44 5.32 -2.48
C ASP A 187 10.10 5.93 -2.05
N ASP A 188 9.08 5.08 -1.81
CA ASP A 188 7.74 5.56 -1.49
C ASP A 188 7.00 4.82 -0.37
N ARG A 189 7.61 3.80 0.24
CA ARG A 189 6.94 3.02 1.26
C ARG A 189 6.39 3.84 2.47
N ASP A 190 7.10 4.94 2.85
CA ASP A 190 6.66 5.78 3.97
C ASP A 190 6.04 7.10 3.50
N SER A 191 5.47 7.10 2.29
CA SER A 191 4.81 8.28 1.70
C SER A 191 3.66 8.81 2.60
N PRO A 192 3.56 10.15 2.81
CA PRO A 192 2.41 10.68 3.57
C PRO A 192 1.21 10.73 2.64
N VAL A 193 0.66 9.53 2.33
CA VAL A 193 -0.42 9.35 1.37
C VAL A 193 -1.63 10.26 1.47
N PHE A 194 -2.06 10.59 2.69
CA PHE A 194 -3.23 11.44 2.91
C PHE A 194 -3.02 12.94 2.58
N TRP A 195 -1.78 13.30 2.21
CA TRP A 195 -1.41 14.66 1.81
C TRP A 195 -1.05 14.68 0.33
N TYR A 196 -1.10 13.50 -0.33
CA TYR A 196 -0.66 13.33 -1.72
C TYR A 196 -1.69 13.41 -2.80
N ALA A 197 -1.32 14.09 -3.89
CA ALA A 197 -2.12 14.27 -5.09
C ALA A 197 -2.27 12.93 -5.85
N PRO A 198 -3.35 12.75 -6.65
CA PRO A 198 -3.54 11.49 -7.36
C PRO A 198 -2.38 11.02 -8.25
N GLU A 199 -1.70 11.94 -8.96
CA GLU A 199 -0.57 11.59 -9.81
C GLU A 199 0.61 11.00 -9.02
N CYS A 200 0.76 11.40 -7.72
CA CYS A 200 1.80 10.88 -6.82
C CYS A 200 1.43 9.46 -6.42
N LEU A 201 0.14 9.25 -6.07
CA LEU A 201 -0.35 7.94 -5.63
C LEU A 201 -0.42 6.93 -6.77
N MET A 202 -0.82 7.36 -7.98
CA MET A 202 -1.02 6.46 -9.14
C MET A 202 0.23 6.20 -9.97
N GLN A 203 0.98 7.26 -10.32
CA GLN A 203 2.14 7.16 -11.21
C GLN A 203 3.50 7.46 -10.59
N SER A 204 3.54 7.80 -9.29
CA SER A 204 4.78 8.13 -8.55
C SER A 204 5.50 9.35 -9.18
N LYS A 205 4.71 10.29 -9.72
CA LYS A 205 5.23 11.50 -10.35
C LYS A 205 4.93 12.68 -9.45
N PHE A 206 5.96 13.48 -9.13
CA PHE A 206 5.79 14.63 -8.26
C PHE A 206 6.08 15.95 -8.98
N TYR A 207 5.05 16.79 -9.12
CA TYR A 207 5.11 18.10 -9.78
C TYR A 207 5.07 19.22 -8.75
N ILE A 208 5.29 20.48 -9.16
CA ILE A 208 5.11 21.63 -8.27
C ILE A 208 3.62 21.69 -7.89
N ALA A 209 2.73 21.33 -8.86
CA ALA A 209 1.28 21.28 -8.64
C ALA A 209 0.91 20.25 -7.57
N SER A 210 1.78 19.23 -7.38
CA SER A 210 1.56 18.20 -6.35
C SER A 210 1.82 18.81 -4.96
N ASP A 211 2.77 19.75 -4.86
CA ASP A 211 3.01 20.49 -3.62
C ASP A 211 1.83 21.42 -3.30
N VAL A 212 1.16 21.97 -4.35
CA VAL A 212 -0.05 22.80 -4.19
C VAL A 212 -1.17 21.98 -3.55
N TRP A 213 -1.35 20.70 -3.99
CA TRP A 213 -2.35 19.80 -3.43
C TRP A 213 -2.05 19.59 -1.94
N SER A 214 -0.78 19.32 -1.60
CA SER A 214 -0.35 19.12 -0.22
C SER A 214 -0.58 20.39 0.61
N PHE A 215 -0.41 21.57 -0.02
CA PHE A 215 -0.69 22.83 0.68
C PHE A 215 -2.18 22.92 1.05
N GLY A 216 -3.07 22.49 0.14
CA GLY A 216 -4.51 22.51 0.40
C GLY A 216 -4.86 21.72 1.64
N VAL A 217 -4.21 20.56 1.79
CA VAL A 217 -4.38 19.67 2.94
C VAL A 217 -3.79 20.35 4.21
N THR A 218 -2.61 21.00 4.06
CA THR A 218 -1.94 21.73 5.16
C THR A 218 -2.86 22.86 5.63
N LEU A 219 -3.51 23.57 4.69
CA LEU A 219 -4.46 24.66 4.98
C LEU A 219 -5.65 24.13 5.78
N HIS A 220 -6.17 22.94 5.40
CA HIS A 220 -7.26 22.28 6.13
C HIS A 220 -6.81 22.02 7.59
N GLU A 221 -5.58 21.53 7.79
CA GLU A 221 -5.03 21.27 9.12
C GLU A 221 -4.98 22.56 9.98
N LEU A 222 -4.47 23.65 9.36
CA LEU A 222 -4.35 24.96 10.02
C LEU A 222 -5.72 25.44 10.52
N LEU A 223 -6.73 25.31 9.65
CA LEU A 223 -8.11 25.72 9.92
C LEU A 223 -8.82 24.89 10.97
N THR A 224 -8.38 23.62 11.16
CA THR A 224 -8.94 22.72 12.17
C THR A 224 -8.05 22.74 13.42
N TYR A 225 -7.07 23.68 13.46
CA TYR A 225 -6.12 23.85 14.55
C TYR A 225 -5.32 22.58 14.83
N CYS A 226 -5.07 21.76 13.77
CA CYS A 226 -4.32 20.51 13.88
C CYS A 226 -4.90 19.52 14.89
N ASP A 227 -6.22 19.55 15.11
CA ASP A 227 -6.79 18.60 16.05
C ASP A 227 -6.68 17.21 15.45
N SER A 228 -6.16 16.25 16.22
CA SER A 228 -5.95 14.86 15.79
C SER A 228 -7.22 14.18 15.28
N ASP A 229 -8.41 14.47 15.88
CA ASP A 229 -9.68 13.87 15.43
C ASP A 229 -10.21 14.42 14.12
N SER A 230 -9.68 15.54 13.65
CA SER A 230 -10.07 16.15 12.37
C SER A 230 -8.90 16.12 11.38
N SER A 231 -7.85 15.33 11.69
CA SER A 231 -6.66 15.25 10.84
C SER A 231 -7.02 14.66 9.47
N PRO A 232 -6.29 15.05 8.40
CA PRO A 232 -6.56 14.49 7.06
C PRO A 232 -6.60 12.97 7.00
N MET A 233 -5.75 12.29 7.80
CA MET A 233 -5.72 10.82 7.88
C MET A 233 -7.01 10.29 8.53
N ALA A 234 -7.40 10.83 9.71
CA ALA A 234 -8.63 10.44 10.42
C ALA A 234 -9.88 10.64 9.54
N LEU A 235 -9.96 11.78 8.82
CA LEU A 235 -11.10 12.08 7.96
C LEU A 235 -11.16 11.16 6.73
N PHE A 236 -10.02 10.96 6.05
CA PHE A 236 -10.00 10.07 4.89
C PHE A 236 -10.28 8.62 5.27
N LEU A 237 -9.75 8.16 6.43
CA LEU A 237 -9.98 6.79 6.92
C LEU A 237 -11.45 6.57 7.25
N LYS A 238 -12.17 7.62 7.71
CA LYS A 238 -13.60 7.52 8.00
C LYS A 238 -14.37 7.42 6.67
N MET A 239 -13.91 8.14 5.62
CA MET A 239 -14.52 8.12 4.29
C MET A 239 -14.33 6.79 3.56
N ILE A 240 -13.10 6.25 3.56
CA ILE A 240 -12.75 5.03 2.82
C ILE A 240 -12.82 3.72 3.62
N GLY A 241 -12.73 3.82 4.94
CA GLY A 241 -12.71 2.68 5.84
C GLY A 241 -11.33 2.44 6.40
N PRO A 242 -11.20 2.15 7.71
CA PRO A 242 -9.85 1.98 8.30
C PRO A 242 -9.29 0.55 8.33
N THR A 243 -10.04 -0.43 7.78
CA THR A 243 -9.61 -1.83 7.85
C THR A 243 -9.14 -2.42 6.50
N HIS A 244 -8.67 -1.57 5.57
CA HIS A 244 -8.27 -2.06 4.25
C HIS A 244 -6.81 -2.48 4.06
N GLY A 245 -5.95 -2.25 5.04
CA GLY A 245 -4.54 -2.62 4.99
C GLY A 245 -3.85 -2.17 3.72
N GLN A 246 -3.25 -3.13 2.98
CA GLN A 246 -2.55 -2.90 1.71
C GLN A 246 -3.44 -2.31 0.60
N MET A 247 -4.79 -2.36 0.77
CA MET A 247 -5.72 -1.83 -0.22
C MET A 247 -6.11 -0.36 0.05
N THR A 248 -5.62 0.22 1.14
CA THR A 248 -5.94 1.61 1.54
C THR A 248 -5.70 2.64 0.44
N VAL A 249 -4.47 2.65 -0.13
CA VAL A 249 -4.08 3.61 -1.17
C VAL A 249 -4.94 3.53 -2.45
N THR A 250 -5.23 2.30 -2.95
CA THR A 250 -6.10 2.21 -4.14
C THR A 250 -7.53 2.68 -3.81
N ARG A 251 -8.01 2.44 -2.57
CA ARG A 251 -9.34 2.92 -2.15
C ARG A 251 -9.33 4.45 -2.05
N LEU A 252 -8.19 5.03 -1.63
CA LEU A 252 -8.01 6.49 -1.55
C LEU A 252 -8.01 7.09 -2.97
N VAL A 253 -7.27 6.47 -3.91
CA VAL A 253 -7.22 6.88 -5.32
C VAL A 253 -8.66 6.82 -5.92
N ASN A 254 -9.41 5.73 -5.63
CA ASN A 254 -10.77 5.56 -6.17
C ASN A 254 -11.73 6.66 -5.68
N THR A 255 -11.65 6.98 -4.38
CA THR A 255 -12.46 8.04 -3.76
C THR A 255 -12.12 9.40 -4.40
N LEU A 256 -10.81 9.69 -4.61
CA LEU A 256 -10.37 10.95 -5.23
C LEU A 256 -10.83 11.03 -6.69
N LYS A 257 -10.77 9.91 -7.44
CA LYS A 257 -11.23 9.82 -8.84
C LYS A 257 -12.71 10.17 -8.93
N GLU A 258 -13.52 9.72 -7.94
CA GLU A 258 -14.96 9.96 -7.85
C GLU A 258 -15.32 11.44 -7.53
N GLY A 259 -14.31 12.25 -7.21
CA GLY A 259 -14.48 13.66 -6.90
C GLY A 259 -14.67 13.99 -5.43
N LYS A 260 -14.52 12.98 -4.56
CA LYS A 260 -14.66 13.19 -3.12
C LYS A 260 -13.40 13.87 -2.55
N ARG A 261 -13.61 14.83 -1.63
CA ARG A 261 -12.53 15.63 -1.02
C ARG A 261 -12.78 15.85 0.45
N LEU A 262 -11.76 16.36 1.20
CA LEU A 262 -11.92 16.70 2.62
C LEU A 262 -13.04 17.77 2.75
N PRO A 263 -13.90 17.69 3.79
CA PRO A 263 -15.01 18.67 3.88
C PRO A 263 -14.56 20.02 4.40
N CYS A 264 -15.41 21.06 4.22
CA CYS A 264 -15.15 22.41 4.70
C CYS A 264 -14.92 22.37 6.20
N PRO A 265 -13.76 22.84 6.71
CA PRO A 265 -13.54 22.82 8.17
C PRO A 265 -14.64 23.61 8.89
N PRO A 266 -14.99 23.28 10.15
CA PRO A 266 -16.01 24.07 10.86
C PRO A 266 -15.54 25.51 11.00
N ASN A 267 -16.47 26.46 10.84
CA ASN A 267 -16.24 27.90 10.94
C ASN A 267 -15.42 28.49 9.79
N CYS A 268 -15.11 27.68 8.78
CA CYS A 268 -14.33 28.15 7.63
C CYS A 268 -15.29 28.77 6.63
N PRO A 269 -15.10 30.05 6.25
CA PRO A 269 -16.00 30.66 5.24
C PRO A 269 -15.84 30.00 3.89
N ASP A 270 -16.92 29.97 3.08
CA ASP A 270 -16.92 29.39 1.75
C ASP A 270 -15.82 29.95 0.87
N GLU A 271 -15.53 31.26 0.95
CA GLU A 271 -14.48 31.90 0.15
C GLU A 271 -13.07 31.34 0.45
N VAL A 272 -12.82 30.90 1.70
CA VAL A 272 -11.55 30.28 2.07
C VAL A 272 -11.55 28.83 1.53
N TYR A 273 -12.67 28.10 1.72
CA TYR A 273 -12.83 26.72 1.23
C TYR A 273 -12.71 26.61 -0.28
N GLN A 274 -13.19 27.62 -1.03
CA GLN A 274 -13.11 27.63 -2.49
C GLN A 274 -11.66 27.71 -2.97
N LEU A 275 -10.80 28.43 -2.24
CA LEU A 275 -9.37 28.52 -2.55
C LEU A 275 -8.71 27.17 -2.28
N MET A 276 -9.12 26.52 -1.17
CA MET A 276 -8.66 25.19 -0.78
C MET A 276 -9.03 24.17 -1.86
N ARG A 277 -10.26 24.24 -2.40
CA ARG A 277 -10.74 23.32 -3.46
C ARG A 277 -9.95 23.46 -4.77
N LYS A 278 -9.45 24.67 -5.08
CA LYS A 278 -8.62 24.94 -6.26
C LYS A 278 -7.25 24.22 -6.17
N CYS A 279 -6.80 23.83 -4.95
CA CYS A 279 -5.57 23.06 -4.76
C CYS A 279 -5.82 21.61 -5.12
N TRP A 280 -7.11 21.19 -5.12
CA TRP A 280 -7.48 19.79 -5.29
C TRP A 280 -8.14 19.38 -6.59
N GLU A 281 -7.83 20.08 -7.68
CA GLU A 281 -8.31 19.70 -9.00
C GLU A 281 -7.59 18.38 -9.31
N PHE A 282 -8.31 17.39 -9.88
CA PHE A 282 -7.72 16.08 -10.16
C PHE A 282 -6.46 16.18 -11.02
N GLN A 283 -6.51 16.98 -12.10
CA GLN A 283 -5.38 17.15 -13.00
C GLN A 283 -4.45 18.25 -12.48
N PRO A 284 -3.13 17.96 -12.40
CA PRO A 284 -2.17 19.00 -11.92
C PRO A 284 -2.29 20.34 -12.65
N SER A 285 -2.44 20.32 -13.99
CA SER A 285 -2.54 21.53 -14.82
C SER A 285 -3.74 22.45 -14.51
N ASN A 286 -4.81 21.91 -13.89
CA ASN A 286 -6.02 22.66 -13.53
C ASN A 286 -5.98 23.27 -12.13
N ARG A 287 -4.92 22.96 -11.36
CA ARG A 287 -4.77 23.46 -10.01
C ARG A 287 -4.29 24.88 -9.98
N THR A 288 -4.65 25.61 -8.91
CA THR A 288 -4.15 26.98 -8.67
C THR A 288 -2.63 26.94 -8.44
N SER A 289 -1.97 28.06 -8.64
CA SER A 289 -0.54 28.20 -8.38
C SER A 289 -0.40 28.80 -6.98
N PHE A 290 0.84 28.79 -6.42
CA PHE A 290 1.11 29.44 -5.13
C PHE A 290 0.90 30.96 -5.23
N GLN A 291 1.29 31.56 -6.37
N GLN A 291 1.30 31.55 -6.38
CA GLN A 291 1.11 33.01 -6.59
CA GLN A 291 1.13 32.98 -6.65
C GLN A 291 -0.37 33.41 -6.62
C GLN A 291 -0.35 33.40 -6.63
N ASN A 292 -1.23 32.56 -7.20
CA ASN A 292 -2.67 32.83 -7.23
C ASN A 292 -3.30 32.68 -5.83
N LEU A 293 -2.79 31.72 -5.03
CA LEU A 293 -3.25 31.55 -3.64
C LEU A 293 -2.88 32.76 -2.79
N ILE A 294 -1.65 33.31 -2.95
CA ILE A 294 -1.20 34.50 -2.21
C ILE A 294 -2.14 35.68 -2.49
N GLU A 295 -2.46 35.91 -3.78
CA GLU A 295 -3.39 36.96 -4.20
C GLU A 295 -4.77 36.77 -3.59
N GLY A 296 -5.28 35.53 -3.62
CA GLY A 296 -6.57 35.16 -3.05
C GLY A 296 -6.67 35.43 -1.56
N PHE A 297 -5.66 34.98 -0.78
CA PHE A 297 -5.66 35.23 0.67
C PHE A 297 -5.51 36.72 1.00
N GLU A 298 -4.60 37.41 0.30
CA GLU A 298 -4.36 38.86 0.49
C GLU A 298 -5.67 39.65 0.26
N ALA A 299 -6.50 39.22 -0.72
CA ALA A 299 -7.80 39.85 -1.01
C ALA A 299 -8.76 39.64 0.16
N LEU A 300 -8.73 38.45 0.78
CA LEU A 300 -9.58 38.15 1.94
C LEU A 300 -9.10 38.84 3.20
N LEU A 301 -7.79 39.15 3.26
CA LEU A 301 -7.18 39.84 4.41
C LEU A 301 -7.41 41.35 4.38
N LYS A 302 -7.54 41.97 3.18
CA LYS A 302 -7.76 43.43 3.06
C LYS A 302 -8.56 43.77 1.81
N VAL B 13 -30.59 -42.13 11.65
CA VAL B 13 -29.19 -41.79 11.45
C VAL B 13 -28.98 -40.92 10.20
N ASP B 14 -28.33 -39.76 10.36
CA ASP B 14 -28.01 -38.87 9.25
C ASP B 14 -26.55 -39.11 8.89
N PRO B 15 -26.25 -39.64 7.68
CA PRO B 15 -24.84 -39.89 7.30
C PRO B 15 -23.99 -38.64 7.11
N THR B 16 -24.63 -37.46 7.02
CA THR B 16 -23.93 -36.16 6.86
C THR B 16 -23.70 -35.45 8.19
N HIS B 17 -24.06 -36.11 9.31
CA HIS B 17 -23.89 -35.55 10.64
C HIS B 17 -22.68 -36.26 11.24
N PHE B 18 -21.64 -35.47 11.58
CA PHE B 18 -20.42 -36.00 12.18
C PHE B 18 -20.35 -35.53 13.62
N GLU B 19 -20.21 -36.47 14.55
CA GLU B 19 -20.13 -36.18 15.99
C GLU B 19 -18.73 -35.70 16.35
N LYS B 20 -18.64 -34.56 17.05
CA LYS B 20 -17.39 -33.96 17.47
C LYS B 20 -16.50 -34.94 18.25
N ARG B 21 -17.11 -35.73 19.16
CA ARG B 21 -16.40 -36.70 20.01
C ARG B 21 -15.63 -37.78 19.23
N PHE B 22 -15.99 -38.01 17.95
CA PHE B 22 -15.32 -39.01 17.11
C PHE B 22 -14.32 -38.43 16.09
N LEU B 23 -14.19 -37.09 16.03
CA LEU B 23 -13.22 -36.45 15.13
C LEU B 23 -11.86 -36.30 15.83
N LYS B 24 -10.84 -37.00 15.33
CA LYS B 24 -9.47 -36.98 15.84
C LYS B 24 -8.61 -36.12 14.92
N ARG B 25 -8.14 -34.95 15.40
CA ARG B 25 -7.25 -34.05 14.66
C ARG B 25 -5.91 -34.74 14.39
N ILE B 26 -5.43 -34.66 13.15
CA ILE B 26 -4.13 -35.24 12.78
C ILE B 26 -3.14 -34.13 12.49
N ARG B 27 -3.43 -33.30 11.47
CA ARG B 27 -2.53 -32.22 11.05
C ARG B 27 -3.27 -31.16 10.26
N ASP B 28 -2.66 -29.98 10.13
CA ASP B 28 -3.24 -28.87 9.36
C ASP B 28 -3.07 -29.11 7.85
N LEU B 29 -4.05 -28.64 7.07
CA LEU B 29 -4.01 -28.75 5.61
C LEU B 29 -3.95 -27.38 4.94
N GLY B 30 -4.24 -26.33 5.68
CA GLY B 30 -4.17 -24.97 5.18
C GLY B 30 -5.05 -23.99 5.91
N GLU B 31 -4.57 -22.75 6.01
CA GLU B 31 -5.25 -21.64 6.65
C GLU B 31 -5.95 -20.80 5.60
N GLY B 32 -7.24 -20.58 5.80
CA GLY B 32 -8.04 -19.74 4.90
C GLY B 32 -8.24 -18.35 5.47
N HIS B 33 -9.27 -17.66 4.99
CA HIS B 33 -9.56 -16.30 5.44
C HIS B 33 -10.24 -16.30 6.82
N PHE B 34 -11.44 -16.91 6.94
CA PHE B 34 -12.14 -16.98 8.21
C PHE B 34 -11.91 -18.32 8.92
N GLY B 35 -11.50 -19.32 8.16
CA GLY B 35 -11.29 -20.65 8.71
C GLY B 35 -9.96 -21.29 8.43
N LYS B 36 -9.82 -22.53 8.93
CA LYS B 36 -8.63 -23.36 8.74
C LYS B 36 -9.10 -24.78 8.51
N VAL B 37 -8.38 -25.50 7.65
CA VAL B 37 -8.70 -26.88 7.32
C VAL B 37 -7.69 -27.82 7.97
N GLU B 38 -8.20 -28.88 8.61
CA GLU B 38 -7.40 -29.89 9.28
C GLU B 38 -7.75 -31.27 8.80
N LEU B 39 -6.74 -32.12 8.70
CA LEU B 39 -6.94 -33.53 8.41
C LEU B 39 -7.36 -34.17 9.75
N CYS B 40 -8.48 -34.90 9.74
CA CYS B 40 -9.00 -35.64 10.91
C CYS B 40 -9.34 -37.07 10.50
N ARG B 41 -9.38 -37.98 11.48
CA ARG B 41 -9.91 -39.35 11.27
C ARG B 41 -11.24 -39.35 12.03
N TYR B 42 -12.34 -39.67 11.34
CA TYR B 42 -13.64 -39.77 12.00
C TYR B 42 -13.69 -41.22 12.45
N ASP B 43 -13.55 -41.45 13.76
CA ASP B 43 -13.38 -42.80 14.28
C ASP B 43 -14.46 -43.23 15.30
N PRO B 44 -15.74 -43.44 14.88
CA PRO B 44 -16.78 -43.82 15.86
C PRO B 44 -16.54 -45.15 16.58
N GLU B 45 -15.72 -46.05 16.00
CA GLU B 45 -15.43 -47.35 16.61
C GLU B 45 -14.23 -47.30 17.58
N GLY B 46 -13.53 -46.16 17.61
CA GLY B 46 -12.40 -45.89 18.49
C GLY B 46 -11.19 -46.81 18.35
N ASP B 47 -11.00 -47.41 17.16
CA ASP B 47 -9.90 -48.34 16.92
C ASP B 47 -8.96 -47.95 15.76
N ASN B 48 -8.97 -46.66 15.36
CA ASN B 48 -8.16 -46.06 14.29
C ASN B 48 -8.44 -46.60 12.89
N THR B 49 -9.64 -47.15 12.68
CA THR B 49 -10.02 -47.71 11.38
C THR B 49 -10.91 -46.77 10.61
N GLY B 50 -11.34 -45.69 11.24
CA GLY B 50 -12.21 -44.70 10.64
C GLY B 50 -11.67 -44.01 9.41
N GLU B 51 -12.57 -43.41 8.65
CA GLU B 51 -12.26 -42.69 7.43
C GLU B 51 -11.56 -41.34 7.74
N GLN B 52 -10.58 -40.97 6.91
CA GLN B 52 -9.89 -39.69 7.02
C GLN B 52 -10.75 -38.66 6.27
N VAL B 53 -10.90 -37.46 6.86
CA VAL B 53 -11.71 -36.37 6.31
C VAL B 53 -10.96 -35.04 6.47
N ALA B 54 -11.33 -34.04 5.65
CA ALA B 54 -10.81 -32.66 5.74
C ALA B 54 -11.91 -31.87 6.48
N VAL B 55 -11.51 -31.19 7.56
CA VAL B 55 -12.43 -30.46 8.42
C VAL B 55 -12.10 -28.98 8.45
N LYS B 56 -13.07 -28.14 8.07
CA LYS B 56 -12.90 -26.68 8.10
C LYS B 56 -13.63 -26.13 9.32
N SER B 57 -12.91 -25.42 10.18
N SER B 57 -12.89 -25.44 10.20
CA SER B 57 -13.50 -24.78 11.36
CA SER B 57 -13.45 -24.79 11.40
C SER B 57 -13.03 -23.33 11.43
C SER B 57 -13.06 -23.31 11.36
N LEU B 58 -13.77 -22.47 12.14
CA LEU B 58 -13.44 -21.05 12.27
C LEU B 58 -12.11 -20.85 12.99
N LYS B 59 -11.34 -19.83 12.60
CA LYS B 59 -10.09 -19.48 13.26
C LYS B 59 -10.45 -18.83 14.62
N PRO B 60 -9.92 -19.29 15.77
CA PRO B 60 -10.31 -18.65 17.04
C PRO B 60 -9.51 -17.39 17.33
N ASN B 65 -17.63 -14.89 15.68
CA ASN B 65 -17.60 -13.69 14.84
C ASN B 65 -18.04 -13.99 13.39
N HIS B 66 -17.31 -14.90 12.69
CA HIS B 66 -17.57 -15.22 11.29
C HIS B 66 -18.32 -16.53 11.01
N ILE B 67 -19.16 -16.96 11.95
CA ILE B 67 -19.98 -18.17 11.79
C ILE B 67 -20.93 -18.05 10.60
N ALA B 68 -21.48 -16.83 10.37
CA ALA B 68 -22.41 -16.61 9.27
C ALA B 68 -21.72 -16.87 7.93
N ASP B 69 -20.44 -16.45 7.80
CA ASP B 69 -19.65 -16.65 6.58
C ASP B 69 -19.36 -18.15 6.36
N LEU B 70 -18.96 -18.89 7.42
CA LEU B 70 -18.70 -20.32 7.31
C LEU B 70 -19.98 -21.08 6.97
N LYS B 71 -21.13 -20.69 7.58
CA LYS B 71 -22.43 -21.30 7.27
C LYS B 71 -22.77 -21.09 5.80
N LYS B 72 -22.48 -19.89 5.24
CA LYS B 72 -22.74 -19.59 3.83
C LYS B 72 -21.89 -20.46 2.91
N GLU B 73 -20.60 -20.66 3.27
CA GLU B 73 -19.68 -21.49 2.49
C GLU B 73 -20.17 -22.94 2.51
N ILE B 74 -20.63 -23.43 3.69
CA ILE B 74 -21.16 -24.79 3.81
C ILE B 74 -22.35 -24.99 2.87
N GLU B 75 -23.30 -24.02 2.86
CA GLU B 75 -24.50 -24.13 2.02
C GLU B 75 -24.18 -24.06 0.54
N ILE B 76 -23.14 -23.28 0.15
CA ILE B 76 -22.68 -23.23 -1.25
C ILE B 76 -22.14 -24.61 -1.61
N LEU B 77 -21.12 -25.10 -0.87
CA LEU B 77 -20.48 -26.38 -1.19
C LEU B 77 -21.42 -27.57 -1.17
N ARG B 78 -22.36 -27.61 -0.23
CA ARG B 78 -23.36 -28.67 -0.11
C ARG B 78 -24.17 -28.86 -1.39
N ASN B 79 -24.40 -27.77 -2.12
CA ASN B 79 -25.20 -27.79 -3.34
C ASN B 79 -24.42 -27.82 -4.65
N LEU B 80 -23.07 -27.92 -4.59
CA LEU B 80 -22.25 -28.06 -5.79
C LEU B 80 -21.96 -29.54 -6.00
N TYR B 81 -22.24 -30.05 -7.20
CA TYR B 81 -22.01 -31.45 -7.54
C TYR B 81 -21.30 -31.48 -8.89
N HIS B 82 -19.98 -31.61 -8.87
CA HIS B 82 -19.18 -31.62 -10.09
C HIS B 82 -17.91 -32.40 -9.83
N GLU B 83 -17.47 -33.18 -10.81
CA GLU B 83 -16.26 -34.00 -10.61
C GLU B 83 -14.97 -33.21 -10.36
N ASN B 84 -14.95 -31.92 -10.73
CA ASN B 84 -13.79 -31.06 -10.48
C ASN B 84 -14.00 -30.05 -9.35
N ILE B 85 -14.92 -30.40 -8.43
CA ILE B 85 -15.21 -29.62 -7.22
C ILE B 85 -15.14 -30.61 -6.03
N VAL B 86 -14.38 -30.25 -4.99
CA VAL B 86 -14.18 -31.08 -3.81
C VAL B 86 -15.56 -31.44 -3.20
N LYS B 87 -15.72 -32.72 -2.82
CA LYS B 87 -16.99 -33.18 -2.28
C LYS B 87 -17.25 -32.79 -0.86
N TYR B 88 -18.45 -32.25 -0.64
CA TYR B 88 -19.02 -31.99 0.68
C TYR B 88 -19.35 -33.38 1.25
N LYS B 89 -19.03 -33.61 2.53
CA LYS B 89 -19.37 -34.86 3.20
C LYS B 89 -20.43 -34.65 4.30
N GLY B 90 -20.36 -33.52 4.99
CA GLY B 90 -21.30 -33.22 6.05
C GLY B 90 -20.88 -32.11 6.97
N ILE B 91 -21.49 -32.07 8.17
CA ILE B 91 -21.21 -31.03 9.15
C ILE B 91 -21.05 -31.62 10.54
N CYS B 92 -20.44 -30.84 11.41
CA CYS B 92 -20.31 -31.16 12.82
C CYS B 92 -20.87 -29.96 13.58
N THR B 93 -22.06 -30.12 14.21
CA THR B 93 -22.69 -29.05 14.98
C THR B 93 -22.41 -29.20 16.46
N GLU B 94 -22.07 -28.09 17.13
CA GLU B 94 -21.76 -28.06 18.57
C GLU B 94 -23.03 -28.21 19.42
N ASN B 98 -24.22 -23.06 18.65
CA ASN B 98 -24.12 -22.17 17.50
C ASN B 98 -23.02 -22.62 16.54
N GLY B 99 -21.91 -23.13 17.10
CA GLY B 99 -20.72 -23.59 16.40
C GLY B 99 -20.96 -24.66 15.35
N ILE B 100 -20.16 -24.63 14.26
CA ILE B 100 -20.30 -25.58 13.14
C ILE B 100 -18.94 -25.83 12.46
N LYS B 101 -18.74 -27.05 11.94
CA LYS B 101 -17.54 -27.40 11.17
C LYS B 101 -17.98 -27.97 9.83
N LEU B 102 -17.21 -27.68 8.75
CA LEU B 102 -17.50 -28.23 7.43
C LEU B 102 -16.66 -29.50 7.23
N ILE B 103 -17.32 -30.60 6.85
CA ILE B 103 -16.66 -31.89 6.60
C ILE B 103 -16.62 -32.13 5.09
N MET B 104 -15.41 -32.36 4.58
CA MET B 104 -15.16 -32.64 3.17
C MET B 104 -14.35 -33.92 3.01
N GLU B 105 -14.33 -34.47 1.78
CA GLU B 105 -13.46 -35.61 1.46
C GLU B 105 -12.01 -35.13 1.54
N PHE B 106 -11.09 -36.05 1.89
CA PHE B 106 -9.67 -35.74 2.00
C PHE B 106 -8.94 -36.26 0.79
N LEU B 107 -8.13 -35.40 0.18
CA LEU B 107 -7.32 -35.73 -1.00
C LEU B 107 -5.85 -35.81 -0.59
N PRO B 108 -5.34 -37.04 -0.37
CA PRO B 108 -3.96 -37.20 0.15
C PRO B 108 -2.85 -36.53 -0.66
N SER B 109 -3.01 -36.39 -1.99
CA SER B 109 -1.99 -35.73 -2.82
C SER B 109 -1.90 -34.22 -2.60
N GLY B 110 -2.90 -33.66 -1.89
CA GLY B 110 -2.93 -32.26 -1.52
C GLY B 110 -3.15 -31.34 -2.70
N SER B 111 -2.61 -30.12 -2.62
CA SER B 111 -2.80 -29.11 -3.65
C SER B 111 -1.78 -29.21 -4.77
N LEU B 112 -2.07 -28.56 -5.92
CA LEU B 112 -1.12 -28.51 -7.05
C LEU B 112 0.18 -27.80 -6.62
N LYS B 113 0.08 -26.85 -5.67
CA LYS B 113 1.25 -26.12 -5.14
C LYS B 113 2.25 -27.09 -4.49
N GLU B 114 1.74 -28.13 -3.80
CA GLU B 114 2.54 -29.14 -3.14
C GLU B 114 2.90 -30.27 -4.10
N TYR B 115 1.94 -30.67 -4.95
CA TYR B 115 2.07 -31.81 -5.85
C TYR B 115 3.01 -31.61 -7.05
N LEU B 116 2.83 -30.49 -7.78
CA LEU B 116 3.64 -30.23 -8.99
C LEU B 116 5.16 -30.22 -8.79
N PRO B 117 5.73 -29.50 -7.78
CA PRO B 117 7.20 -29.53 -7.62
C PRO B 117 7.81 -30.91 -7.38
N LYS B 118 7.03 -31.83 -6.79
CA LYS B 118 7.45 -33.20 -6.47
C LYS B 118 7.18 -34.20 -7.61
N ASN B 119 6.40 -33.79 -8.63
CA ASN B 119 6.00 -34.72 -9.69
C ASN B 119 6.25 -34.26 -11.12
N LYS B 120 7.19 -33.29 -11.33
CA LYS B 120 7.55 -32.76 -12.67
C LYS B 120 7.82 -33.85 -13.69
N ASN B 121 8.55 -34.91 -13.30
CA ASN B 121 8.89 -36.01 -14.21
C ASN B 121 7.67 -36.77 -14.74
N LYS B 122 6.62 -36.85 -13.92
CA LYS B 122 5.36 -37.56 -14.17
C LYS B 122 4.33 -36.73 -14.97
N ILE B 123 4.38 -35.39 -14.85
CA ILE B 123 3.41 -34.47 -15.46
C ILE B 123 3.97 -33.68 -16.64
N ASN B 124 3.53 -34.03 -17.87
CA ASN B 124 3.99 -33.35 -19.08
C ASN B 124 2.99 -32.26 -19.50
N LEU B 125 3.26 -31.52 -20.59
CA LEU B 125 2.38 -30.47 -21.09
C LEU B 125 0.94 -30.93 -21.31
N LYS B 126 0.79 -32.10 -21.96
CA LYS B 126 -0.52 -32.68 -22.22
C LYS B 126 -1.32 -32.86 -20.90
N GLN B 127 -0.68 -33.38 -19.83
CA GLN B 127 -1.36 -33.55 -18.54
C GLN B 127 -1.68 -32.18 -17.88
N GLN B 128 -0.81 -31.18 -18.06
CA GLN B 128 -1.02 -29.82 -17.54
C GLN B 128 -2.24 -29.19 -18.23
N LEU B 129 -2.38 -29.37 -19.57
CA LEU B 129 -3.53 -28.86 -20.31
C LEU B 129 -4.85 -29.55 -19.91
N LYS B 130 -4.79 -30.83 -19.51
CA LYS B 130 -5.95 -31.57 -19.04
C LYS B 130 -6.39 -31.01 -17.69
N TYR B 131 -5.42 -30.67 -16.82
CA TYR B 131 -5.74 -30.06 -15.52
C TYR B 131 -6.37 -28.70 -15.79
N ALA B 132 -5.84 -27.94 -16.77
CA ALA B 132 -6.39 -26.61 -17.13
C ALA B 132 -7.86 -26.73 -17.58
N VAL B 133 -8.21 -27.76 -18.37
CA VAL B 133 -9.60 -28.02 -18.83
C VAL B 133 -10.50 -28.30 -17.60
N GLN B 134 -10.00 -29.15 -16.70
CA GLN B 134 -10.73 -29.54 -15.49
C GLN B 134 -11.00 -28.37 -14.57
N ILE B 135 -10.01 -27.49 -14.38
CA ILE B 135 -10.19 -26.27 -13.58
C ILE B 135 -11.26 -25.40 -14.26
N CYS B 136 -11.16 -25.21 -15.60
CA CYS B 136 -12.16 -24.41 -16.35
C CYS B 136 -13.59 -24.97 -16.22
N LYS B 137 -13.75 -26.31 -16.25
CA LYS B 137 -15.07 -26.95 -16.13
C LYS B 137 -15.67 -26.74 -14.75
N GLY B 138 -14.85 -26.90 -13.70
CA GLY B 138 -15.30 -26.66 -12.34
C GLY B 138 -15.69 -25.21 -12.14
N MET B 139 -14.92 -24.29 -12.73
CA MET B 139 -15.15 -22.84 -12.63
C MET B 139 -16.37 -22.42 -13.40
N ASP B 140 -16.60 -23.06 -14.56
CA ASP B 140 -17.77 -22.75 -15.38
C ASP B 140 -19.05 -23.21 -14.69
N TYR B 141 -18.99 -24.36 -14.00
CA TYR B 141 -20.10 -24.90 -13.21
C TYR B 141 -20.43 -23.88 -12.11
N LEU B 142 -19.40 -23.35 -11.42
CA LEU B 142 -19.58 -22.33 -10.39
C LEU B 142 -20.23 -21.06 -10.94
N GLY B 143 -19.71 -20.56 -12.07
CA GLY B 143 -20.23 -19.35 -12.72
C GLY B 143 -21.68 -19.49 -13.15
N SER B 144 -22.06 -20.68 -13.63
CA SER B 144 -23.43 -20.97 -14.07
C SER B 144 -24.41 -20.98 -12.87
N ARG B 145 -23.90 -21.13 -11.62
CA ARG B 145 -24.72 -21.06 -10.42
C ARG B 145 -24.69 -19.62 -9.86
N GLN B 146 -24.14 -18.66 -10.62
CA GLN B 146 -24.00 -17.22 -10.28
C GLN B 146 -23.11 -16.96 -9.07
N TYR B 147 -22.00 -17.68 -9.00
CA TYR B 147 -21.00 -17.46 -7.96
C TYR B 147 -19.70 -16.95 -8.56
N VAL B 148 -19.00 -16.09 -7.79
CA VAL B 148 -17.64 -15.63 -8.08
C VAL B 148 -16.76 -16.27 -7.01
N HIS B 149 -15.65 -16.91 -7.43
CA HIS B 149 -14.74 -17.63 -6.52
C HIS B 149 -13.88 -16.71 -5.67
N ARG B 150 -13.20 -15.75 -6.33
CA ARG B 150 -12.34 -14.71 -5.74
C ARG B 150 -10.99 -15.20 -5.17
N ASP B 151 -10.67 -16.50 -5.31
CA ASP B 151 -9.42 -17.04 -4.74
C ASP B 151 -8.89 -18.20 -5.56
N LEU B 152 -9.04 -18.11 -6.88
CA LEU B 152 -8.58 -19.17 -7.77
C LEU B 152 -7.05 -19.06 -7.92
N ALA B 153 -6.34 -20.06 -7.36
CA ALA B 153 -4.89 -20.14 -7.38
C ALA B 153 -4.53 -21.61 -7.22
N ALA B 154 -3.33 -22.00 -7.67
CA ALA B 154 -2.87 -23.39 -7.62
C ALA B 154 -2.92 -23.98 -6.19
N ARG B 155 -2.72 -23.14 -5.18
CA ARG B 155 -2.75 -23.58 -3.78
C ARG B 155 -4.16 -23.98 -3.32
N ASN B 156 -5.19 -23.61 -4.10
CA ASN B 156 -6.59 -23.96 -3.81
C ASN B 156 -7.15 -25.06 -4.72
N VAL B 157 -6.29 -25.64 -5.59
CA VAL B 157 -6.67 -26.72 -6.50
C VAL B 157 -6.04 -28.00 -5.97
N LEU B 158 -6.86 -29.01 -5.73
CA LEU B 158 -6.41 -30.29 -5.17
C LEU B 158 -6.21 -31.34 -6.22
N VAL B 159 -5.33 -32.29 -5.93
CA VAL B 159 -5.02 -33.39 -6.83
C VAL B 159 -5.74 -34.63 -6.34
N GLU B 160 -6.74 -35.08 -7.12
CA GLU B 160 -7.52 -36.28 -6.85
C GLU B 160 -6.68 -37.52 -7.20
N SER B 161 -6.00 -37.45 -8.35
CA SER B 161 -5.10 -38.49 -8.87
C SER B 161 -4.22 -37.80 -9.88
N GLU B 162 -3.31 -38.53 -10.50
CA GLU B 162 -2.44 -38.01 -11.55
C GLU B 162 -3.29 -37.46 -12.74
N HIS B 163 -4.51 -37.97 -12.91
CA HIS B 163 -5.40 -37.61 -14.03
C HIS B 163 -6.54 -36.67 -13.65
N GLN B 164 -6.67 -36.28 -12.37
CA GLN B 164 -7.82 -35.47 -11.96
C GLN B 164 -7.53 -34.45 -10.88
N VAL B 165 -8.01 -33.20 -11.08
CA VAL B 165 -7.91 -32.11 -10.11
C VAL B 165 -9.30 -31.66 -9.70
N LYS B 166 -9.41 -31.03 -8.52
CA LYS B 166 -10.67 -30.50 -7.98
C LYS B 166 -10.43 -29.16 -7.29
N ILE B 167 -11.31 -28.18 -7.49
N ILE B 167 -11.33 -28.18 -7.48
CA ILE B 167 -11.21 -26.88 -6.79
CA ILE B 167 -11.25 -26.88 -6.79
C ILE B 167 -11.54 -27.21 -5.34
C ILE B 167 -11.54 -27.22 -5.33
N GLY B 168 -10.66 -26.84 -4.43
CA GLY B 168 -10.68 -27.29 -3.08
C GLY B 168 -10.93 -26.35 -1.91
N ASP B 169 -11.28 -25.10 -2.16
CA ASP B 169 -11.59 -24.15 -1.11
C ASP B 169 -12.52 -23.09 -1.66
N PHE B 170 -13.53 -22.73 -0.88
CA PHE B 170 -14.59 -21.78 -1.27
C PHE B 170 -14.79 -20.67 -0.22
N GLY B 171 -13.73 -20.38 0.54
CA GLY B 171 -13.74 -19.41 1.64
C GLY B 171 -14.11 -17.99 1.29
N LEU B 172 -13.87 -17.57 0.03
CA LEU B 172 -14.17 -16.23 -0.44
C LEU B 172 -15.33 -16.20 -1.45
N THR B 173 -15.90 -17.37 -1.78
CA THR B 173 -16.96 -17.52 -2.77
C THR B 173 -18.22 -16.71 -2.40
N LYS B 174 -18.69 -15.89 -3.34
CA LYS B 174 -19.84 -15.00 -3.15
C LYS B 174 -20.81 -15.15 -4.29
N ALA B 175 -22.11 -15.02 -3.97
CA ALA B 175 -23.18 -15.06 -4.97
C ALA B 175 -23.27 -13.68 -5.62
N ILE B 176 -23.46 -13.66 -6.95
CA ILE B 176 -23.70 -12.43 -7.70
C ILE B 176 -25.23 -12.32 -7.69
N GLU B 177 -25.74 -11.16 -7.22
CA GLU B 177 -27.17 -10.81 -7.12
C GLU B 177 -27.96 -11.05 -8.41
N LYS B 180 -27.45 -8.35 -11.84
CA LYS B 180 -26.19 -7.67 -11.59
C LYS B 180 -25.02 -8.49 -12.16
N GLU B 181 -23.88 -7.83 -12.45
CA GLU B 181 -22.71 -8.48 -13.05
C GLU B 181 -21.51 -8.70 -12.14
N PTR B 182 -21.51 -8.10 -10.95
CA PTR B 182 -20.37 -8.25 -10.06
C PTR B 182 -20.77 -8.15 -8.61
O PTR B 182 -21.85 -7.68 -8.27
CB PTR B 182 -19.40 -7.08 -10.38
CG PTR B 182 -19.99 -5.66 -10.19
CD1 PTR B 182 -20.54 -4.98 -11.30
CD2 PTR B 182 -19.96 -5.04 -8.94
CE1 PTR B 182 -21.07 -3.69 -11.12
CE2 PTR B 182 -20.49 -3.74 -8.75
CZ PTR B 182 -21.05 -3.04 -9.84
OH PTR B 182 -21.55 -1.77 -9.55
P PTR B 182 -22.21 -0.90 -10.66
O1P PTR B 182 -22.59 0.37 -9.93
O2P PTR B 182 -23.42 -1.56 -11.29
O3P PTR B 182 -21.20 -0.61 -11.77
N PTR B 183 -19.83 -8.55 -7.73
CA PTR B 183 -19.99 -8.45 -6.30
C PTR B 183 -19.07 -7.32 -5.84
O PTR B 183 -17.92 -7.26 -6.31
CB PTR B 183 -19.49 -9.76 -5.61
CG PTR B 183 -19.54 -9.67 -4.08
CD1 PTR B 183 -18.37 -9.40 -3.32
CD2 PTR B 183 -20.75 -9.84 -3.41
CE1 PTR B 183 -18.41 -9.30 -1.92
CE2 PTR B 183 -20.80 -9.74 -1.99
CZ PTR B 183 -19.65 -9.45 -1.21
OH PTR B 183 -19.61 -9.35 0.19
P PTR B 183 -20.94 -9.33 1.07
O1P PTR B 183 -21.58 -10.67 1.16
O2P PTR B 183 -21.98 -8.36 0.53
O3P PTR B 183 -20.52 -8.94 2.47
N THR B 184 -19.55 -6.44 -4.96
CA THR B 184 -18.73 -5.35 -4.42
C THR B 184 -18.03 -5.83 -3.15
N VAL B 185 -16.69 -5.83 -3.20
CA VAL B 185 -15.78 -6.28 -2.13
C VAL B 185 -15.68 -5.23 -1.02
N LYS B 186 -15.83 -5.67 0.25
CA LYS B 186 -15.71 -4.81 1.43
C LYS B 186 -14.47 -5.23 2.22
N ASP B 187 -14.38 -6.54 2.55
CA ASP B 187 -13.25 -7.10 3.29
C ASP B 187 -12.18 -7.46 2.24
N ASP B 188 -11.08 -6.69 2.20
CA ASP B 188 -10.06 -6.87 1.17
C ASP B 188 -8.62 -6.81 1.64
N ARG B 189 -8.37 -6.60 2.94
CA ARG B 189 -7.01 -6.47 3.47
C ARG B 189 -6.09 -7.67 3.17
N ASP B 190 -6.63 -8.90 3.10
CA ASP B 190 -5.83 -10.10 2.79
C ASP B 190 -6.03 -10.60 1.37
N SER B 191 -6.40 -9.69 0.44
CA SER B 191 -6.62 -10.00 -0.97
C SER B 191 -5.39 -10.63 -1.64
N PRO B 192 -5.54 -11.73 -2.43
CA PRO B 192 -4.38 -12.29 -3.16
C PRO B 192 -4.15 -11.42 -4.40
N VAL B 193 -3.63 -10.19 -4.16
CA VAL B 193 -3.44 -9.16 -5.19
C VAL B 193 -2.77 -9.57 -6.49
N PHE B 194 -1.76 -10.44 -6.41
CA PHE B 194 -1.02 -10.89 -7.60
C PHE B 194 -1.80 -11.86 -8.52
N TRP B 195 -3.02 -12.22 -8.12
CA TRP B 195 -3.93 -13.08 -8.91
C TRP B 195 -5.14 -12.27 -9.34
N TYR B 196 -5.20 -10.99 -8.94
CA TYR B 196 -6.36 -10.12 -9.17
C TYR B 196 -6.34 -9.24 -10.39
N ALA B 197 -7.52 -9.16 -11.04
CA ALA B 197 -7.77 -8.34 -12.22
C ALA B 197 -7.79 -6.84 -11.82
N PRO B 198 -7.48 -5.92 -12.78
CA PRO B 198 -7.46 -4.48 -12.45
C PRO B 198 -8.72 -3.91 -11.80
N GLU B 199 -9.92 -4.35 -12.24
CA GLU B 199 -11.19 -3.87 -11.66
C GLU B 199 -11.33 -4.23 -10.18
N CYS B 200 -10.72 -5.37 -9.76
CA CYS B 200 -10.72 -5.84 -8.35
C CYS B 200 -9.80 -4.93 -7.54
N LEU B 201 -8.60 -4.65 -8.09
CA LEU B 201 -7.61 -3.83 -7.40
C LEU B 201 -8.01 -2.35 -7.32
N MET B 202 -8.64 -1.81 -8.38
CA MET B 202 -8.99 -0.39 -8.48
C MET B 202 -10.33 -0.01 -7.88
N GLN B 203 -11.40 -0.79 -8.21
CA GLN B 203 -12.76 -0.49 -7.78
C GLN B 203 -13.41 -1.45 -6.81
N SER B 204 -12.68 -2.53 -6.38
CA SER B 204 -13.18 -3.56 -5.47
C SER B 204 -14.45 -4.26 -6.03
N LYS B 205 -14.50 -4.41 -7.37
CA LYS B 205 -15.62 -5.06 -8.05
C LYS B 205 -15.15 -6.41 -8.58
N PHE B 206 -15.88 -7.47 -8.25
CA PHE B 206 -15.52 -8.82 -8.69
C PHE B 206 -16.55 -9.42 -9.64
N TYR B 207 -16.14 -9.68 -10.90
CA TYR B 207 -17.00 -10.26 -11.95
C TYR B 207 -16.62 -11.72 -12.19
N ILE B 208 -17.39 -12.45 -13.02
CA ILE B 208 -17.00 -13.80 -13.43
C ILE B 208 -15.72 -13.68 -14.28
N ALA B 209 -15.63 -12.57 -15.07
CA ALA B 209 -14.46 -12.29 -15.88
C ALA B 209 -13.21 -12.06 -15.01
N SER B 210 -13.40 -11.67 -13.74
CA SER B 210 -12.29 -11.47 -12.79
C SER B 210 -11.74 -12.86 -12.38
N ASP B 211 -12.62 -13.88 -12.30
CA ASP B 211 -12.19 -15.26 -12.04
C ASP B 211 -11.40 -15.81 -13.24
N VAL B 212 -11.77 -15.39 -14.47
CA VAL B 212 -11.04 -15.78 -15.70
C VAL B 212 -9.60 -15.25 -15.64
N TRP B 213 -9.41 -13.98 -15.18
CA TRP B 213 -8.08 -13.39 -15.02
C TRP B 213 -7.27 -14.23 -14.03
N SER B 214 -7.86 -14.59 -12.89
CA SER B 214 -7.23 -15.42 -11.86
C SER B 214 -6.88 -16.79 -12.42
N PHE B 215 -7.72 -17.33 -13.33
CA PHE B 215 -7.43 -18.61 -13.97
C PHE B 215 -6.16 -18.50 -14.82
N GLY B 216 -6.01 -17.39 -15.54
CA GLY B 216 -4.82 -17.16 -16.37
C GLY B 216 -3.55 -17.23 -15.55
N VAL B 217 -3.59 -16.65 -14.35
CA VAL B 217 -2.47 -16.67 -13.40
C VAL B 217 -2.26 -18.11 -12.86
N THR B 218 -3.37 -18.83 -12.57
CA THR B 218 -3.34 -20.23 -12.08
C THR B 218 -2.69 -21.11 -13.17
N LEU B 219 -3.04 -20.86 -14.44
CA LEU B 219 -2.48 -21.58 -15.59
C LEU B 219 -0.96 -21.36 -15.68
N HIS B 220 -0.51 -20.11 -15.45
CA HIS B 220 0.92 -19.76 -15.42
C HIS B 220 1.61 -20.59 -14.32
N GLU B 221 0.99 -20.70 -13.14
CA GLU B 221 1.54 -21.48 -12.01
C GLU B 221 1.71 -22.96 -12.40
N LEU B 222 0.69 -23.52 -13.02
CA LEU B 222 0.70 -24.90 -13.43
C LEU B 222 1.83 -25.16 -14.39
N LEU B 223 1.99 -24.32 -15.37
CA LEU B 223 3.03 -24.40 -16.40
C LEU B 223 4.45 -24.23 -15.87
N THR B 224 4.61 -23.52 -14.72
CA THR B 224 5.90 -23.32 -14.07
C THR B 224 6.08 -24.35 -12.95
N TYR B 225 5.16 -25.34 -12.88
CA TYR B 225 5.15 -26.41 -11.87
C TYR B 225 5.12 -25.85 -10.43
N CYS B 226 4.45 -24.68 -10.24
CA CYS B 226 4.34 -24.03 -8.94
C CYS B 226 5.68 -23.76 -8.26
N ASP B 227 6.75 -23.55 -9.04
CA ASP B 227 8.03 -23.27 -8.41
C ASP B 227 7.96 -21.89 -7.76
N SER B 228 8.34 -21.81 -6.48
CA SER B 228 8.30 -20.58 -5.68
C SER B 228 9.06 -19.41 -6.30
N ASP B 229 10.20 -19.67 -6.98
CA ASP B 229 10.99 -18.61 -7.63
C ASP B 229 10.37 -18.05 -8.92
N SER B 230 9.37 -18.74 -9.47
CA SER B 230 8.66 -18.28 -10.67
C SER B 230 7.19 -17.98 -10.34
N SER B 231 6.86 -17.89 -9.05
CA SER B 231 5.49 -17.63 -8.60
C SER B 231 5.01 -16.25 -9.10
N PRO B 232 3.69 -16.09 -9.32
CA PRO B 232 3.18 -14.78 -9.77
C PRO B 232 3.59 -13.60 -8.89
N MET B 233 3.68 -13.81 -7.57
CA MET B 233 4.13 -12.79 -6.61
C MET B 233 5.62 -12.44 -6.85
N ALA B 234 6.50 -13.46 -6.90
CA ALA B 234 7.95 -13.26 -7.15
C ALA B 234 8.21 -12.53 -8.47
N LEU B 235 7.48 -12.92 -9.55
CA LEU B 235 7.63 -12.30 -10.87
C LEU B 235 7.14 -10.86 -10.89
N PHE B 236 5.95 -10.61 -10.33
CA PHE B 236 5.43 -9.24 -10.29
C PHE B 236 6.28 -8.32 -9.41
N LEU B 237 6.78 -8.83 -8.26
CA LEU B 237 7.65 -8.06 -7.38
C LEU B 237 8.98 -7.70 -8.05
N LYS B 238 9.48 -8.56 -8.95
CA LYS B 238 10.71 -8.27 -9.71
C LYS B 238 10.41 -7.17 -10.73
N MET B 239 9.20 -7.19 -11.33
CA MET B 239 8.76 -6.19 -12.33
C MET B 239 8.55 -4.80 -11.72
N ILE B 240 7.83 -4.74 -10.57
CA ILE B 240 7.45 -3.47 -9.93
C ILE B 240 8.39 -2.97 -8.82
N GLY B 241 9.15 -3.89 -8.24
CA GLY B 241 10.04 -3.60 -7.12
C GLY B 241 9.49 -4.16 -5.82
N PRO B 242 10.33 -4.79 -4.97
CA PRO B 242 9.81 -5.39 -3.73
C PRO B 242 9.83 -4.51 -2.48
N THR B 243 10.27 -3.24 -2.59
CA THR B 243 10.40 -2.36 -1.42
C THR B 243 9.37 -1.23 -1.37
N HIS B 244 8.19 -1.43 -2.00
CA HIS B 244 7.17 -0.37 -2.02
C HIS B 244 6.13 -0.33 -0.89
N GLY B 245 6.11 -1.36 -0.03
CA GLY B 245 5.18 -1.43 1.09
C GLY B 245 3.74 -1.16 0.70
N GLN B 246 3.11 -0.16 1.36
CA GLN B 246 1.72 0.27 1.12
C GLN B 246 1.45 0.75 -0.33
N MET B 247 2.52 1.05 -1.10
CA MET B 247 2.40 1.51 -2.48
C MET B 247 2.45 0.38 -3.52
N THR B 248 2.66 -0.86 -3.07
CA THR B 248 2.76 -2.04 -3.96
C THR B 248 1.59 -2.20 -4.91
N VAL B 249 0.35 -2.19 -4.39
CA VAL B 249 -0.87 -2.37 -5.18
C VAL B 249 -1.06 -1.28 -6.25
N THR B 250 -0.83 0.02 -5.92
CA THR B 250 -0.97 1.07 -6.95
C THR B 250 0.12 0.91 -8.04
N ARG B 251 1.32 0.45 -7.65
CA ARG B 251 2.41 0.19 -8.60
C ARG B 251 2.04 -1.00 -9.51
N LEU B 252 1.35 -1.99 -8.93
CA LEU B 252 0.87 -3.16 -9.67
C LEU B 252 -0.22 -2.74 -10.68
N VAL B 253 -1.19 -1.90 -10.24
CA VAL B 253 -2.25 -1.35 -11.08
C VAL B 253 -1.62 -0.55 -12.25
N ASN B 254 -0.60 0.30 -11.95
CA ASN B 254 0.06 1.11 -12.96
C ASN B 254 0.76 0.27 -14.04
N THR B 255 1.45 -0.80 -13.61
CA THR B 255 2.12 -1.76 -14.52
C THR B 255 1.07 -2.46 -15.41
N LEU B 256 -0.07 -2.89 -14.83
CA LEU B 256 -1.13 -3.54 -15.60
C LEU B 256 -1.79 -2.58 -16.61
N LYS B 257 -1.98 -1.30 -16.21
CA LYS B 257 -2.54 -0.25 -17.07
C LYS B 257 -1.64 -0.03 -18.29
N GLU B 258 -0.31 -0.10 -18.09
CA GLU B 258 0.71 0.05 -19.14
C GLU B 258 0.75 -1.14 -20.13
N GLY B 259 0.00 -2.20 -19.83
CA GLY B 259 -0.07 -3.39 -20.68
C GLY B 259 0.92 -4.50 -20.36
N LYS B 260 1.67 -4.34 -19.27
CA LYS B 260 2.63 -5.35 -18.84
C LYS B 260 1.93 -6.54 -18.18
N ARG B 261 2.41 -7.76 -18.47
CA ARG B 261 1.81 -9.01 -17.99
C ARG B 261 2.89 -10.01 -17.64
N LEU B 262 2.51 -11.12 -16.95
CA LEU B 262 3.46 -12.20 -16.62
C LEU B 262 4.05 -12.77 -17.93
N PRO B 263 5.35 -13.11 -17.98
CA PRO B 263 5.94 -13.59 -19.23
C PRO B 263 5.58 -15.03 -19.55
N CYS B 264 5.78 -15.45 -20.83
CA CYS B 264 5.52 -16.81 -21.27
C CYS B 264 6.36 -17.76 -20.43
N PRO B 265 5.72 -18.75 -19.74
CA PRO B 265 6.52 -19.69 -18.94
C PRO B 265 7.55 -20.43 -19.81
N PRO B 266 8.69 -20.87 -19.24
CA PRO B 266 9.67 -21.62 -20.06
C PRO B 266 9.02 -22.90 -20.61
N ASN B 267 9.34 -23.22 -21.88
CA ASN B 267 8.84 -24.39 -22.60
C ASN B 267 7.35 -24.34 -22.93
N CYS B 268 6.69 -23.21 -22.67
CA CYS B 268 5.27 -23.07 -22.98
C CYS B 268 5.13 -22.63 -24.45
N PRO B 269 4.39 -23.40 -25.29
CA PRO B 269 4.22 -22.97 -26.69
C PRO B 269 3.40 -21.69 -26.78
N ASP B 270 3.64 -20.88 -27.83
CA ASP B 270 2.94 -19.63 -28.06
C ASP B 270 1.42 -19.80 -28.07
N GLU B 271 0.91 -20.91 -28.66
CA GLU B 271 -0.53 -21.20 -28.72
C GLU B 271 -1.18 -21.35 -27.34
N VAL B 272 -0.41 -21.87 -26.35
CA VAL B 272 -0.90 -21.98 -24.97
C VAL B 272 -0.85 -20.58 -24.32
N TYR B 273 0.26 -19.86 -24.51
CA TYR B 273 0.44 -18.49 -23.99
C TYR B 273 -0.60 -17.51 -24.52
N GLN B 274 -1.02 -17.67 -25.78
CA GLN B 274 -2.05 -16.80 -26.38
C GLN B 274 -3.40 -16.96 -25.72
N LEU B 275 -3.74 -18.20 -25.27
CA LEU B 275 -4.97 -18.47 -24.54
C LEU B 275 -4.89 -17.82 -23.16
N MET B 276 -3.71 -17.91 -22.53
CA MET B 276 -3.41 -17.30 -21.23
C MET B 276 -3.57 -15.78 -21.34
N ARG B 277 -3.07 -15.15 -22.43
CA ARG B 277 -3.17 -13.69 -22.64
C ARG B 277 -4.61 -13.21 -22.80
N LYS B 278 -5.51 -14.05 -23.35
CA LYS B 278 -6.94 -13.76 -23.50
C LYS B 278 -7.65 -13.64 -22.13
N CYS B 279 -7.06 -14.24 -21.07
CA CYS B 279 -7.60 -14.12 -19.70
C CYS B 279 -7.24 -12.75 -19.15
N TRP B 280 -6.21 -12.09 -19.72
CA TRP B 280 -5.66 -10.85 -19.19
C TRP B 280 -5.94 -9.56 -19.95
N GLU B 281 -7.06 -9.50 -20.67
CA GLU B 281 -7.49 -8.27 -21.34
C GLU B 281 -7.82 -7.31 -20.21
N PHE B 282 -7.41 -6.02 -20.32
CA PHE B 282 -7.65 -5.04 -19.26
C PHE B 282 -9.12 -4.94 -18.90
N GLN B 283 -10.01 -4.85 -19.91
CA GLN B 283 -11.43 -4.74 -19.68
C GLN B 283 -12.06 -6.12 -19.50
N PRO B 284 -12.86 -6.32 -18.42
CA PRO B 284 -13.51 -7.63 -18.21
C PRO B 284 -14.28 -8.16 -19.42
N SER B 285 -15.05 -7.27 -20.11
CA SER B 285 -15.86 -7.65 -21.28
C SER B 285 -15.08 -8.21 -22.48
N ASN B 286 -13.76 -7.89 -22.59
CA ASN B 286 -12.88 -8.34 -23.68
C ASN B 286 -12.17 -9.66 -23.39
N ARG B 287 -12.33 -10.18 -22.18
CA ARG B 287 -11.70 -11.42 -21.76
C ARG B 287 -12.42 -12.62 -22.30
N THR B 288 -11.69 -13.72 -22.50
CA THR B 288 -12.27 -15.00 -22.93
C THR B 288 -13.19 -15.54 -21.82
N SER B 289 -14.11 -16.43 -22.19
CA SER B 289 -14.99 -17.09 -21.23
C SER B 289 -14.33 -18.44 -20.87
N PHE B 290 -14.83 -19.12 -19.82
CA PHE B 290 -14.31 -20.45 -19.47
C PHE B 290 -14.67 -21.46 -20.57
N GLN B 291 -15.89 -21.32 -21.16
CA GLN B 291 -16.31 -22.20 -22.26
C GLN B 291 -15.36 -22.10 -23.48
N ASN B 292 -14.91 -20.88 -23.82
CA ASN B 292 -13.98 -20.64 -24.94
C ASN B 292 -12.59 -21.21 -24.64
N LEU B 293 -12.14 -21.12 -23.37
CA LEU B 293 -10.86 -21.71 -22.93
C LEU B 293 -10.89 -23.23 -23.07
N ILE B 294 -12.00 -23.89 -22.67
CA ILE B 294 -12.17 -25.35 -22.78
C ILE B 294 -12.01 -25.79 -24.23
N GLU B 295 -12.71 -25.09 -25.15
CA GLU B 295 -12.61 -25.36 -26.59
C GLU B 295 -11.17 -25.20 -27.11
N GLY B 296 -10.51 -24.13 -26.70
CA GLY B 296 -9.12 -23.84 -27.06
C GLY B 296 -8.15 -24.92 -26.61
N PHE B 297 -8.23 -25.35 -25.33
CA PHE B 297 -7.35 -26.41 -24.83
C PHE B 297 -7.64 -27.75 -25.49
N GLU B 298 -8.95 -28.10 -25.64
CA GLU B 298 -9.39 -29.34 -26.30
C GLU B 298 -8.83 -29.43 -27.73
N ALA B 299 -8.77 -28.29 -28.44
CA ALA B 299 -8.20 -28.20 -29.80
C ALA B 299 -6.71 -28.51 -29.79
N LEU B 300 -5.99 -28.02 -28.76
CA LEU B 300 -4.56 -28.27 -28.62
C LEU B 300 -4.26 -29.70 -28.17
N LEU B 301 -5.23 -30.32 -27.47
CA LEU B 301 -5.09 -31.70 -26.98
C LEU B 301 -5.39 -32.73 -28.07
C7 0NT C . 7.90 15.64 12.63
C2 0NT C . 8.50 14.27 9.19
C10 0NT C . 10.13 16.09 11.56
C6 0NT C . 7.55 14.15 12.82
C1 0NT C . 8.36 12.83 8.65
C3 0NT C . 9.74 14.85 8.49
N4 0NT C . 8.62 14.30 10.68
C5 0NT C . 7.42 13.68 11.36
C8 0NT C . 8.69 15.67 11.28
O11 0NT C . 10.97 15.18 11.64
N12 0NT C . 10.50 17.39 11.76
C13 0NT C . 11.90 17.74 12.08
C14 0NT C . 11.96 18.54 13.41
C15 0NT C . 10.99 19.73 13.36
C16 0NT C . 9.53 19.30 13.00
C17 0NT C . 9.55 18.54 11.67
N18 0NT C . 11.03 20.62 14.54
C19 0NT C . 10.13 20.65 15.58
N20 0NT C . 10.41 21.63 16.39
C21 0NT C . 11.48 22.31 15.92
C22 0NT C . 11.89 21.68 14.73
C23 0NT C . 12.98 22.21 14.01
C24 0NT C . 13.67 21.84 12.77
C25 0NT C . 14.65 22.76 12.61
N26 0NT C . 14.62 23.67 13.63
C28 0NT C . 13.63 23.36 14.52
N29 0NT C . 13.20 23.93 15.66
C30 0NT C . 12.18 23.45 16.36
H9 0NT C . 8.20 16.38 10.63
H27 0NT C . 15.25 24.41 13.73
C1 PEG D . -0.70 -1.30 5.26
O1 PEG D . -1.29 -0.02 5.21
C2 PEG D . 0.20 -1.53 4.08
O2 PEG D . 0.81 -2.81 4.17
C3 PEG D . 1.94 -2.94 3.31
C4 PEG D . 1.82 -4.19 2.50
O4 PEG D . 2.91 -4.34 1.61
C7 0NT E . -3.79 -23.09 1.34
C2 0NT E . -5.98 -20.14 1.08
C10 0NT E . -6.21 -23.37 2.11
C6 0NT E . -2.99 -22.12 2.21
C1 0NT E . -5.79 -18.70 1.56
C3 0NT E . -7.48 -20.43 1.19
N4 0NT E . -5.15 -21.11 1.86
C5 0NT E . -3.69 -20.79 1.88
C8 0NT E . -5.23 -22.52 1.32
O11 0NT E . -6.53 -22.99 3.23
N12 0NT E . -6.70 -24.55 1.62
C13 0NT E . -7.63 -25.39 2.42
C14 0NT E . -7.01 -26.79 2.61
C15 0NT E . -6.72 -27.38 1.22
C16 0NT E . -5.79 -26.49 0.35
C17 0NT E . -6.37 -25.06 0.27
N18 0NT E . -6.21 -28.76 1.27
C19 0NT E . -4.90 -29.14 1.19
N20 0NT E . -4.81 -30.43 1.15
C21 0NT E . -6.06 -30.97 1.15
C22 0NT E . -6.98 -29.90 1.24
C23 0NT E . -8.36 -30.19 1.23
C24 0NT E . -9.58 -29.39 1.30
C25 0NT E . -10.61 -30.25 1.25
N26 0NT E . -10.13 -31.53 1.15
C28 0NT E . -8.76 -31.53 1.14
N29 0NT E . -7.85 -32.51 1.05
C30 0NT E . -6.55 -32.29 1.10
H9 0NT E . -5.52 -22.49 0.27
H27 0NT E . -10.68 -32.34 1.10
#